data_4FG9
#
_entry.id   4FG9
#
_cell.length_a   83.097
_cell.length_b   83.097
_cell.length_c   153.004
_cell.angle_alpha   90.000
_cell.angle_beta   90.000
_cell.angle_gamma   120.000
#
_symmetry.space_group_name_H-M   'P 63'
#
loop_
_entity.id
_entity.type
_entity.pdbx_description
1 polymer 'Calcium/calmodulin-dependent protein kinase type 1'
2 non-polymer "ADENOSINE-5'-TRIPHOSPHATE"
3 water water
#
_entity_poly.entity_id   1
_entity_poly.type   'polypeptide(L)'
_entity_poly.pdbx_seq_one_letter_code
;MLGAVEGPRWKQAEDIRDIYDFRDVLGTGAFSEVILAEDKRTQKLVAIKCIAKEALEGKEGSMENEIAVLHKIKHPNIVA
LDDIYESGGHLYLIMQLVSGGELFDRIVEKGFYTERDASRLIFQVLDAVKYLHDLGIVHRDLKPENLLYYSLDEDSKIMI
SDFGLSKMEDPGSVLSTACGTPGYVAPEVLAQKPYSKAVDCWSIGVIAYILLCGYPPFYDENDAKLFEQILKAEYEFDSP
YWDDISDSAKDFIRHLMEKDPEKRFTCEQALQHPWIAGDTALDKNIHQSVSEQIKKNFAKSKWKQAFNATAVVRHMRKLQ
;
_entity_poly.pdbx_strand_id   A,B
#
loop_
_chem_comp.id
_chem_comp.type
_chem_comp.name
_chem_comp.formula
ATP non-polymer ADENOSINE-5'-TRIPHOSPHATE 'C10 H16 N5 O13 P3'
#
# COMPACT_ATOMS: atom_id res chain seq x y z
N TRP A 10 -12.17 -44.91 11.06
CA TRP A 10 -13.48 -44.41 10.55
C TRP A 10 -14.64 -45.16 11.21
N LYS A 11 -15.56 -44.41 11.80
CA LYS A 11 -16.76 -44.98 12.43
C LYS A 11 -18.03 -44.41 11.80
N GLN A 12 -19.17 -45.02 12.11
CA GLN A 12 -20.47 -44.59 11.60
C GLN A 12 -21.44 -44.36 12.77
N ALA A 13 -21.54 -43.12 13.22
CA ALA A 13 -22.38 -42.78 14.37
C ALA A 13 -23.87 -42.87 14.05
N GLU A 14 -24.63 -43.47 14.98
CA GLU A 14 -26.09 -43.49 14.89
C GLU A 14 -26.62 -42.07 15.00
N ASP A 15 -26.08 -41.32 15.95
CA ASP A 15 -26.26 -39.88 16.09
C ASP A 15 -25.06 -39.36 16.86
N ILE A 16 -24.14 -38.69 16.17
CA ILE A 16 -22.86 -38.28 16.76
C ILE A 16 -22.97 -37.63 18.15
N ARG A 17 -24.09 -36.95 18.41
CA ARG A 17 -24.34 -36.31 19.70
C ARG A 17 -24.52 -37.32 20.85
N ASP A 18 -24.59 -38.60 20.49
CA ASP A 18 -24.57 -39.68 21.48
C ASP A 18 -23.17 -39.84 22.06
N ILE A 19 -22.17 -39.43 21.28
CA ILE A 19 -20.76 -39.59 21.62
C ILE A 19 -20.13 -38.25 22.06
N TYR A 20 -20.58 -37.15 21.46
CA TYR A 20 -19.97 -35.84 21.73
C TYR A 20 -20.96 -34.76 22.13
N ASP A 21 -20.55 -33.95 23.11
CA ASP A 21 -21.32 -32.78 23.53
C ASP A 21 -20.80 -31.56 22.79
N PHE A 22 -21.53 -31.16 21.75
CA PHE A 22 -21.13 -30.04 20.89
C PHE A 22 -21.38 -28.71 21.60
N ARG A 23 -20.33 -27.90 21.73
CA ARG A 23 -20.44 -26.60 22.38
C ARG A 23 -20.14 -25.44 21.42
N ASP A 24 -19.13 -24.63 21.72
CA ASP A 24 -18.87 -23.40 21.01
C ASP A 24 -18.12 -23.57 19.68
N VAL A 25 -18.45 -22.72 18.71
CA VAL A 25 -17.70 -22.64 17.45
C VAL A 25 -16.37 -21.95 17.68
N LEU A 26 -15.27 -22.71 17.53
CA LEU A 26 -13.92 -22.21 17.78
C LEU A 26 -13.40 -21.39 16.61
N GLY A 27 -13.79 -21.79 15.40
CA GLY A 27 -13.38 -21.10 14.20
C GLY A 27 -14.24 -21.52 13.02
N THR A 28 -14.06 -20.81 11.91
CA THR A 28 -14.89 -21.03 10.72
C THR A 28 -14.02 -21.13 9.47
N GLY A 29 -14.33 -22.11 8.65
CA GLY A 29 -13.66 -22.32 7.37
C GLY A 29 -14.56 -21.99 6.20
N ALA A 30 -14.03 -22.16 5.00
CA ALA A 30 -14.78 -21.92 3.76
C ALA A 30 -15.89 -22.96 3.60
N PHE A 31 -15.55 -24.23 3.77
CA PHE A 31 -16.51 -25.32 3.64
C PHE A 31 -16.74 -26.04 4.98
N SER A 32 -16.15 -25.50 6.04
CA SER A 32 -16.15 -26.16 7.34
C SER A 32 -16.35 -25.20 8.51
N GLU A 33 -16.63 -25.78 9.68
CA GLU A 33 -16.52 -25.06 10.94
C GLU A 33 -15.93 -25.95 12.03
N VAL A 34 -15.11 -25.37 12.89
CA VAL A 34 -14.47 -26.10 13.98
C VAL A 34 -15.18 -25.80 15.28
N ILE A 35 -15.51 -26.86 16.04
CA ILE A 35 -16.37 -26.75 17.23
C ILE A 35 -15.78 -27.43 18.47
N LEU A 36 -15.81 -26.71 19.59
CA LEU A 36 -15.37 -27.25 20.87
C LEU A 36 -16.39 -28.28 21.36
N ALA A 37 -15.92 -29.49 21.61
CA ALA A 37 -16.80 -30.56 22.08
C ALA A 37 -16.17 -31.37 23.20
N GLU A 38 -17.03 -31.97 24.01
CA GLU A 38 -16.60 -32.93 25.02
C GLU A 38 -16.89 -34.33 24.51
N ASP A 39 -15.90 -35.21 24.62
CA ASP A 39 -16.12 -36.64 24.45
C ASP A 39 -16.88 -37.10 25.70
N LYS A 40 -18.15 -37.47 25.51
CA LYS A 40 -19.02 -37.87 26.63
C LYS A 40 -18.52 -39.12 27.33
N ARG A 41 -17.83 -39.98 26.58
CA ARG A 41 -17.30 -41.23 27.11
C ARG A 41 -16.15 -41.02 28.10
N THR A 42 -15.36 -39.96 27.88
CA THR A 42 -14.09 -39.78 28.60
C THR A 42 -14.00 -38.47 29.38
N GLN A 43 -14.88 -37.53 29.07
CA GLN A 43 -14.85 -36.15 29.61
C GLN A 43 -13.71 -35.29 29.05
N LYS A 44 -12.96 -35.82 28.08
CA LYS A 44 -11.87 -35.05 27.47
C LYS A 44 -12.37 -34.07 26.42
N LEU A 45 -11.70 -32.92 26.34
CA LEU A 45 -12.10 -31.87 25.42
C LEU A 45 -11.38 -32.01 24.09
N VAL A 46 -12.15 -31.82 23.01
CA VAL A 46 -11.63 -31.96 21.65
C VAL A 46 -12.11 -30.80 20.77
N ALA A 47 -11.52 -30.69 19.59
CA ALA A 47 -12.03 -29.82 18.55
C ALA A 47 -12.59 -30.72 17.45
N ILE A 48 -13.80 -30.40 16.97
CA ILE A 48 -14.43 -31.19 15.92
C ILE A 48 -14.62 -30.35 14.65
N LYS A 49 -13.96 -30.76 13.57
CA LYS A 49 -14.14 -30.14 12.28
C LYS A 49 -15.32 -30.82 11.58
N CYS A 50 -16.38 -30.05 11.38
CA CYS A 50 -17.55 -30.51 10.65
C CYS A 50 -17.45 -30.06 9.20
N ILE A 51 -17.41 -31.02 8.29
CA ILE A 51 -17.34 -30.74 6.85
C ILE A 51 -18.56 -31.31 6.15
N ALA A 52 -19.25 -30.45 5.40
CA ALA A 52 -20.42 -30.88 4.62
C ALA A 52 -19.99 -31.68 3.39
N LYS A 53 -20.70 -32.77 3.13
CA LYS A 53 -20.41 -33.63 1.97
C LYS A 53 -20.67 -32.88 0.65
N GLU A 54 -19.61 -32.27 0.14
CA GLU A 54 -19.65 -31.40 -1.06
C GLU A 54 -21.00 -31.31 -1.77
N GLU A 64 -10.64 -45.46 5.11
CA GLU A 64 -10.37 -45.07 3.74
C GLU A 64 -8.88 -44.81 3.51
N ASN A 65 -8.55 -44.31 2.31
CA ASN A 65 -7.16 -44.02 1.95
C ASN A 65 -6.57 -42.84 2.72
N GLU A 66 -7.35 -41.78 2.87
CA GLU A 66 -6.93 -40.59 3.58
C GLU A 66 -6.81 -40.86 5.08
N ILE A 67 -7.89 -41.34 5.68
CA ILE A 67 -7.94 -41.71 7.10
C ILE A 67 -6.72 -42.50 7.54
N ALA A 68 -6.32 -43.49 6.73
CA ALA A 68 -5.19 -44.35 7.02
C ALA A 68 -3.94 -43.54 7.36
N VAL A 69 -3.47 -42.72 6.41
CA VAL A 69 -2.28 -41.89 6.58
C VAL A 69 -2.51 -40.77 7.60
N LEU A 70 -3.70 -40.16 7.54
CA LEU A 70 -4.06 -39.07 8.46
C LEU A 70 -4.07 -39.52 9.91
N HIS A 71 -4.51 -40.76 10.14
CA HIS A 71 -4.53 -41.33 11.49
C HIS A 71 -3.14 -41.75 11.95
N LYS A 72 -2.22 -41.91 11.00
CA LYS A 72 -0.83 -42.27 11.28
C LYS A 72 0.03 -41.07 11.70
N ILE A 73 -0.52 -39.87 11.56
CA ILE A 73 0.19 -38.64 11.91
C ILE A 73 0.40 -38.54 13.42
N LYS A 74 1.66 -38.59 13.84
CA LYS A 74 2.05 -38.39 15.23
C LYS A 74 3.28 -37.48 15.27
N HIS A 75 3.06 -36.24 15.67
CA HIS A 75 4.11 -35.23 15.68
C HIS A 75 3.70 -34.10 16.61
N PRO A 76 4.64 -33.65 17.46
CA PRO A 76 4.42 -32.56 18.42
C PRO A 76 3.78 -31.30 17.82
N ASN A 77 4.30 -30.84 16.69
CA ASN A 77 3.84 -29.60 16.05
C ASN A 77 2.74 -29.80 15.01
N ILE A 78 2.07 -30.95 15.07
CA ILE A 78 0.90 -31.21 14.23
C ILE A 78 -0.26 -31.66 15.12
N VAL A 79 -1.42 -31.08 14.88
CA VAL A 79 -2.66 -31.40 15.59
C VAL A 79 -3.07 -32.83 15.25
N ALA A 80 -3.26 -33.65 16.29
CA ALA A 80 -3.59 -35.06 16.11
C ALA A 80 -5.00 -35.26 15.56
N LEU A 81 -5.12 -36.14 14.58
CA LEU A 81 -6.42 -36.61 14.11
C LEU A 81 -6.77 -37.84 14.95
N ASP A 82 -7.59 -37.63 15.98
CA ASP A 82 -7.94 -38.69 16.91
C ASP A 82 -8.95 -39.67 16.33
N ASP A 83 -10.02 -39.16 15.72
CA ASP A 83 -11.07 -40.02 15.15
C ASP A 83 -11.89 -39.34 14.05
N ILE A 84 -12.72 -40.15 13.38
CA ILE A 84 -13.56 -39.71 12.27
C ILE A 84 -14.94 -40.37 12.38
N TYR A 85 -15.99 -39.58 12.24
CA TYR A 85 -17.36 -40.08 12.18
C TYR A 85 -18.09 -39.52 10.97
N GLU A 86 -19.06 -40.27 10.45
CA GLU A 86 -19.80 -39.86 9.27
C GLU A 86 -21.31 -39.92 9.48
N SER A 87 -21.97 -38.80 9.17
CA SER A 87 -23.43 -38.71 9.27
C SER A 87 -24.07 -38.71 7.87
N GLY A 88 -25.35 -38.35 7.82
CA GLY A 88 -26.10 -38.27 6.56
C GLY A 88 -25.46 -37.34 5.54
N GLY A 89 -25.05 -36.16 6.00
CA GLY A 89 -24.49 -35.16 5.11
C GLY A 89 -23.24 -34.47 5.60
N HIS A 90 -22.53 -35.09 6.54
CA HIS A 90 -21.35 -34.48 7.14
C HIS A 90 -20.23 -35.47 7.49
N LEU A 91 -19.02 -34.93 7.60
CA LEU A 91 -17.87 -35.66 8.14
C LEU A 91 -17.35 -34.90 9.36
N TYR A 92 -17.21 -35.62 10.46
CA TYR A 92 -16.76 -35.03 11.72
C TYR A 92 -15.36 -35.50 12.10
N LEU A 93 -14.39 -34.60 12.00
CA LEU A 93 -13.01 -34.91 12.33
C LEU A 93 -12.70 -34.55 13.79
N ILE A 94 -12.48 -35.57 14.60
CA ILE A 94 -12.16 -35.38 16.02
C ILE A 94 -10.67 -35.07 16.15
N MET A 95 -10.37 -33.84 16.52
CA MET A 95 -8.98 -33.37 16.57
C MET A 95 -8.56 -33.04 17.99
N GLN A 96 -7.25 -33.00 18.19
CA GLN A 96 -6.66 -32.45 19.40
C GLN A 96 -7.09 -30.99 19.52
N LEU A 97 -7.64 -30.64 20.67
CA LEU A 97 -7.97 -29.26 21.00
C LEU A 97 -6.69 -28.46 21.26
N VAL A 98 -6.65 -27.27 20.69
CA VAL A 98 -5.55 -26.33 20.88
C VAL A 98 -6.15 -25.04 21.43
N SER A 99 -5.57 -24.51 22.51
CA SER A 99 -6.14 -23.36 23.19
C SER A 99 -5.23 -22.13 23.18
N GLY A 100 -4.46 -21.96 22.10
CA GLY A 100 -3.50 -20.87 22.03
C GLY A 100 -3.83 -19.73 21.10
N GLY A 101 -4.65 -19.98 20.09
CA GLY A 101 -5.03 -18.97 19.11
C GLY A 101 -4.14 -18.99 17.87
N GLU A 102 -4.56 -18.26 16.85
CA GLU A 102 -3.86 -18.24 15.55
C GLU A 102 -2.46 -17.61 15.64
N LEU A 103 -1.70 -17.73 14.54
CA LEU A 103 -0.33 -17.26 14.50
C LEU A 103 -0.20 -15.75 14.75
N PHE A 104 -0.74 -14.94 13.84
CA PHE A 104 -0.61 -13.49 13.90
C PHE A 104 -1.30 -12.84 15.10
N ASP A 105 -2.41 -13.45 15.56
CA ASP A 105 -3.15 -12.95 16.71
C ASP A 105 -2.24 -12.77 17.91
N ARG A 106 -1.46 -13.80 18.23
CA ARG A 106 -0.54 -13.78 19.36
C ARG A 106 0.58 -12.75 19.19
N ILE A 107 1.17 -12.71 18.00
CA ILE A 107 2.23 -11.74 17.68
C ILE A 107 1.74 -10.30 17.88
N VAL A 108 0.52 -10.03 17.45
CA VAL A 108 -0.11 -8.72 17.61
C VAL A 108 -0.44 -8.40 19.08
N GLU A 109 -0.77 -9.44 19.84
CA GLU A 109 -1.20 -9.29 21.24
C GLU A 109 -0.08 -9.23 22.28
N LYS A 110 1.15 -9.58 21.89
CA LYS A 110 2.28 -9.62 22.80
C LYS A 110 3.35 -8.57 22.49
N GLY A 111 3.97 -8.00 23.53
CA GLY A 111 4.78 -6.78 23.41
C GLY A 111 6.18 -6.81 22.82
N PHE A 112 6.83 -7.96 22.82
CA PHE A 112 8.20 -8.08 22.35
C PHE A 112 8.29 -9.14 21.25
N TYR A 113 8.83 -8.75 20.10
CA TYR A 113 8.93 -9.67 18.97
C TYR A 113 10.25 -9.46 18.24
N THR A 114 10.95 -10.57 17.97
CA THR A 114 12.26 -10.55 17.35
C THR A 114 12.36 -11.54 16.19
N GLU A 115 13.36 -11.35 15.33
CA GLU A 115 13.73 -12.34 14.31
C GLU A 115 13.89 -13.73 14.90
N ARG A 116 14.32 -13.80 16.16
CA ARG A 116 14.52 -15.06 16.86
C ARG A 116 13.22 -15.83 17.08
N ASP A 117 12.17 -15.10 17.50
CA ASP A 117 10.84 -15.66 17.65
C ASP A 117 10.31 -16.17 16.32
N ALA A 118 10.55 -15.40 15.26
CA ALA A 118 10.18 -15.79 13.89
C ALA A 118 10.90 -17.06 13.45
N SER A 119 12.21 -17.11 13.69
CA SER A 119 13.03 -18.26 13.38
C SER A 119 12.57 -19.52 14.10
N ARG A 120 12.30 -19.37 15.41
CA ARG A 120 11.84 -20.48 16.24
C ARG A 120 10.46 -20.99 15.82
N LEU A 121 9.68 -20.13 15.15
CA LEU A 121 8.37 -20.52 14.63
C LEU A 121 8.48 -21.25 13.30
N ILE A 122 9.36 -20.75 12.44
CA ILE A 122 9.59 -21.36 11.12
C ILE A 122 10.24 -22.74 11.24
N PHE A 123 11.16 -22.90 12.19
CA PHE A 123 11.80 -24.20 12.45
C PHE A 123 10.74 -25.25 12.68
N GLN A 124 9.78 -24.93 13.56
CA GLN A 124 8.68 -25.81 13.90
C GLN A 124 7.81 -26.17 12.71
N VAL A 125 7.47 -25.17 11.90
CA VAL A 125 6.65 -25.37 10.71
C VAL A 125 7.39 -26.26 9.71
N LEU A 126 8.66 -25.94 9.45
CA LEU A 126 9.51 -26.76 8.58
C LEU A 126 9.59 -28.20 9.05
N ASP A 127 9.86 -28.39 10.34
CA ASP A 127 9.95 -29.72 10.95
C ASP A 127 8.65 -30.52 10.79
N ALA A 128 7.52 -29.86 11.04
CA ALA A 128 6.22 -30.48 10.88
C ALA A 128 5.90 -30.82 9.41
N VAL A 129 6.21 -29.89 8.51
CA VAL A 129 5.93 -30.08 7.09
C VAL A 129 6.83 -31.15 6.47
N LYS A 130 8.10 -31.16 6.87
CA LYS A 130 9.06 -32.17 6.45
C LYS A 130 8.50 -33.56 6.75
N TYR A 131 8.08 -33.75 8.00
CA TYR A 131 7.46 -34.99 8.48
C TYR A 131 6.24 -35.37 7.62
N LEU A 132 5.40 -34.38 7.32
CA LEU A 132 4.22 -34.61 6.46
C LEU A 132 4.61 -35.07 5.04
N HIS A 133 5.69 -34.52 4.52
CA HIS A 133 6.21 -34.93 3.21
C HIS A 133 6.78 -36.36 3.24
N ASP A 134 7.31 -36.77 4.39
CA ASP A 134 7.79 -38.15 4.56
C ASP A 134 6.64 -39.15 4.56
N LEU A 135 5.47 -38.69 4.99
CA LEU A 135 4.25 -39.49 4.97
C LEU A 135 3.51 -39.36 3.64
N GLY A 136 3.94 -38.41 2.81
CA GLY A 136 3.36 -38.21 1.48
C GLY A 136 2.28 -37.14 1.43
N ILE A 137 2.13 -36.41 2.51
CA ILE A 137 1.12 -35.34 2.60
C ILE A 137 1.63 -34.04 1.99
N VAL A 138 0.73 -33.32 1.33
CA VAL A 138 1.07 -32.04 0.73
C VAL A 138 -0.05 -31.05 0.97
N HIS A 139 0.17 -30.11 1.88
CA HIS A 139 -0.79 -29.06 2.19
C HIS A 139 -1.23 -28.32 0.93
N ARG A 140 -0.31 -27.57 0.34
CA ARG A 140 -0.59 -26.80 -0.88
C ARG A 140 -1.43 -25.56 -0.56
N ASP A 141 -2.08 -25.58 0.60
CA ASP A 141 -2.93 -24.47 1.02
C ASP A 141 -2.59 -24.03 2.45
N LEU A 142 -1.33 -24.24 2.85
CA LEU A 142 -0.89 -23.86 4.18
C LEU A 142 -0.90 -22.34 4.34
N LYS A 143 -1.59 -21.88 5.37
CA LYS A 143 -1.68 -20.45 5.66
C LYS A 143 -1.59 -20.20 7.18
N PRO A 144 -1.47 -18.93 7.57
CA PRO A 144 -1.38 -18.54 8.98
C PRO A 144 -2.58 -18.95 9.85
N GLU A 145 -3.75 -19.08 9.23
CA GLU A 145 -4.95 -19.55 9.91
C GLU A 145 -4.83 -21.02 10.32
N ASN A 146 -3.95 -21.75 9.64
CA ASN A 146 -3.68 -23.15 9.95
C ASN A 146 -2.57 -23.31 10.99
N LEU A 147 -2.02 -22.20 11.44
CA LEU A 147 -0.93 -22.21 12.42
C LEU A 147 -1.42 -21.70 13.77
N LEU A 148 -1.56 -22.61 14.70
CA LEU A 148 -2.15 -22.31 16.00
C LEU A 148 -1.19 -22.62 17.15
N TYR A 149 -1.23 -21.78 18.18
CA TYR A 149 -0.48 -22.04 19.41
C TYR A 149 -1.18 -23.11 20.23
N TYR A 150 -0.40 -24.05 20.76
CA TYR A 150 -0.93 -25.16 21.56
C TYR A 150 -1.64 -24.70 22.84
N SER A 151 -1.07 -23.69 23.50
CA SER A 151 -1.66 -23.14 24.74
C SER A 151 -1.41 -21.64 24.85
N LEU A 152 -1.89 -21.04 25.94
CA LEU A 152 -1.85 -19.59 26.12
C LEU A 152 -0.52 -19.03 26.63
N ASP A 153 0.34 -19.92 27.15
CA ASP A 153 1.65 -19.54 27.68
C ASP A 153 2.54 -18.87 26.62
N GLU A 154 3.45 -18.03 27.08
CA GLU A 154 4.36 -17.29 26.17
C GLU A 154 5.27 -18.21 25.37
N ASP A 155 5.70 -19.30 26.00
CA ASP A 155 6.62 -20.27 25.41
C ASP A 155 5.90 -21.44 24.72
N SER A 156 4.68 -21.19 24.26
CA SER A 156 3.87 -22.22 23.61
C SER A 156 4.32 -22.52 22.19
N LYS A 157 4.34 -23.80 21.86
CA LYS A 157 4.71 -24.27 20.52
C LYS A 157 3.62 -23.95 19.49
N ILE A 158 4.01 -23.90 18.22
CA ILE A 158 3.06 -23.72 17.13
C ILE A 158 2.63 -25.08 16.59
N MET A 159 1.44 -25.13 15.98
CA MET A 159 0.82 -26.38 15.53
C MET A 159 0.21 -26.21 14.14
N ILE A 160 0.37 -27.23 13.30
CA ILE A 160 -0.34 -27.28 12.02
C ILE A 160 -1.69 -27.98 12.20
N SER A 161 -2.77 -27.28 11.86
CA SER A 161 -4.12 -27.76 12.12
C SER A 161 -4.74 -28.51 10.94
N ASP A 162 -4.64 -27.90 9.75
CA ASP A 162 -5.22 -28.47 8.55
C ASP A 162 -4.43 -29.69 8.09
N PHE A 163 -5.10 -30.62 7.43
CA PHE A 163 -4.45 -31.85 6.96
C PHE A 163 -4.33 -31.89 5.44
N PRO A 182 -4.31 -16.91 -1.77
CA PRO A 182 -4.34 -15.45 -1.78
C PRO A 182 -2.93 -14.84 -1.81
N GLY A 183 -1.97 -15.63 -2.28
CA GLY A 183 -0.56 -15.24 -2.28
C GLY A 183 0.35 -16.35 -1.76
N TYR A 184 -0.24 -17.24 -0.96
CA TYR A 184 0.48 -18.37 -0.37
C TYR A 184 0.70 -19.52 -1.35
N VAL A 185 -0.04 -19.49 -2.46
CA VAL A 185 0.01 -20.55 -3.46
C VAL A 185 1.19 -20.36 -4.42
N ALA A 186 1.98 -21.42 -4.57
CA ALA A 186 3.19 -21.42 -5.42
C ALA A 186 2.87 -21.06 -6.86
N PRO A 187 3.83 -20.40 -7.56
CA PRO A 187 3.65 -19.98 -8.95
C PRO A 187 3.23 -21.10 -9.89
N GLU A 188 3.82 -22.29 -9.71
CA GLU A 188 3.58 -23.42 -10.62
C GLU A 188 2.15 -23.91 -10.53
N VAL A 189 1.60 -23.92 -9.31
CA VAL A 189 0.22 -24.32 -9.07
C VAL A 189 -0.75 -23.36 -9.75
N LEU A 190 -0.41 -22.07 -9.73
CA LEU A 190 -1.21 -21.05 -10.40
C LEU A 190 -0.95 -21.05 -11.91
N ALA A 191 0.19 -21.59 -12.32
CA ALA A 191 0.52 -21.76 -13.74
C ALA A 191 -0.09 -23.04 -14.30
N GLN A 192 -0.77 -23.79 -13.43
CA GLN A 192 -1.34 -25.11 -13.75
C GLN A 192 -0.30 -26.06 -14.38
N LYS A 193 0.96 -25.85 -13.99
CA LYS A 193 2.06 -26.72 -14.39
C LYS A 193 2.15 -27.90 -13.42
N PRO A 194 2.92 -28.94 -13.77
CA PRO A 194 3.14 -30.04 -12.82
C PRO A 194 3.84 -29.54 -11.56
N TYR A 195 3.40 -30.03 -10.40
CA TYR A 195 3.97 -29.60 -9.13
C TYR A 195 4.15 -30.74 -8.11
N SER A 196 4.93 -30.48 -7.08
CA SER A 196 5.26 -31.48 -6.06
C SER A 196 5.16 -30.91 -4.65
N LYS A 197 5.70 -31.65 -3.68
CA LYS A 197 5.83 -31.25 -2.28
C LYS A 197 6.49 -29.88 -2.07
N ALA A 198 7.28 -29.46 -3.05
CA ALA A 198 8.01 -28.18 -2.99
C ALA A 198 7.12 -26.95 -2.89
N VAL A 199 5.83 -27.09 -3.22
CA VAL A 199 4.87 -25.98 -3.13
C VAL A 199 4.64 -25.52 -1.69
N ASP A 200 4.80 -26.44 -0.74
CA ASP A 200 4.67 -26.12 0.68
C ASP A 200 5.83 -25.24 1.15
N CYS A 201 7.01 -25.51 0.59
CA CYS A 201 8.21 -24.75 0.91
C CYS A 201 8.08 -23.30 0.47
N TRP A 202 7.38 -23.07 -0.65
CA TRP A 202 7.07 -21.72 -1.11
C TRP A 202 6.13 -21.02 -0.13
N SER A 203 5.10 -21.74 0.31
CA SER A 203 4.13 -21.24 1.26
C SER A 203 4.79 -20.85 2.56
N ILE A 204 5.65 -21.74 3.08
CA ILE A 204 6.43 -21.46 4.29
C ILE A 204 7.28 -20.19 4.08
N GLY A 205 7.83 -20.05 2.87
CA GLY A 205 8.61 -18.88 2.49
C GLY A 205 7.85 -17.59 2.67
N VAL A 206 6.61 -17.58 2.19
CA VAL A 206 5.73 -16.42 2.26
C VAL A 206 5.35 -16.06 3.70
N ILE A 207 5.06 -17.07 4.52
CA ILE A 207 4.73 -16.85 5.93
C ILE A 207 5.91 -16.19 6.67
N ALA A 208 7.12 -16.65 6.39
CA ALA A 208 8.34 -16.08 6.97
C ALA A 208 8.51 -14.60 6.62
N TYR A 209 8.14 -14.23 5.38
CA TYR A 209 8.13 -12.84 4.94
C TYR A 209 7.22 -11.98 5.81
N ILE A 210 5.97 -12.40 5.97
CA ILE A 210 4.98 -11.67 6.77
C ILE A 210 5.39 -11.65 8.24
N LEU A 211 5.98 -12.74 8.70
CA LEU A 211 6.42 -12.83 10.09
C LEU A 211 7.54 -11.83 10.41
N LEU A 212 8.16 -11.27 9.38
CA LEU A 212 9.28 -10.36 9.57
C LEU A 212 8.96 -8.89 9.29
N CYS A 213 7.88 -8.63 8.54
CA CYS A 213 7.52 -7.25 8.19
C CYS A 213 6.06 -6.90 8.52
N GLY A 214 5.18 -7.89 8.47
CA GLY A 214 3.77 -7.68 8.81
C GLY A 214 2.77 -7.60 7.67
N TYR A 215 3.27 -7.57 6.44
CA TYR A 215 2.41 -7.49 5.25
C TYR A 215 2.81 -8.54 4.21
N PRO A 216 1.85 -8.99 3.38
CA PRO A 216 2.15 -9.98 2.34
C PRO A 216 3.11 -9.44 1.27
N PRO A 217 3.98 -10.30 0.71
CA PRO A 217 4.96 -9.89 -0.30
C PRO A 217 4.33 -9.49 -1.62
N PHE A 218 3.13 -10.00 -1.89
CA PHE A 218 2.39 -9.67 -3.10
C PHE A 218 1.06 -9.02 -2.73
N TYR A 219 0.90 -7.75 -3.07
CA TYR A 219 -0.32 -7.01 -2.76
C TYR A 219 -0.78 -6.12 -3.91
N ASP A 220 -2.06 -6.27 -4.26
CA ASP A 220 -2.70 -5.46 -5.31
C ASP A 220 -4.21 -5.61 -5.25
N GLU A 221 -4.93 -4.51 -5.45
CA GLU A 221 -6.39 -4.50 -5.46
C GLU A 221 -6.96 -5.26 -6.66
N ASN A 222 -6.26 -5.15 -7.79
CA ASN A 222 -6.60 -5.90 -9.00
C ASN A 222 -6.05 -7.32 -8.92
N ASP A 223 -6.97 -8.30 -8.90
CA ASP A 223 -6.62 -9.71 -8.79
C ASP A 223 -5.72 -10.20 -9.92
N ALA A 224 -5.98 -9.72 -11.14
CA ALA A 224 -5.26 -10.16 -12.33
C ALA A 224 -3.75 -9.89 -12.24
N LYS A 225 -3.39 -8.68 -11.82
CA LYS A 225 -1.99 -8.30 -11.67
C LYS A 225 -1.33 -9.01 -10.49
N LEU A 226 -2.12 -9.28 -9.46
CA LEU A 226 -1.66 -9.97 -8.26
C LEU A 226 -1.12 -11.37 -8.58
N PHE A 227 -1.85 -12.10 -9.42
CA PHE A 227 -1.44 -13.44 -9.87
C PHE A 227 -0.18 -13.39 -10.76
N GLU A 228 0.04 -12.26 -11.42
CA GLU A 228 1.21 -12.07 -12.28
C GLU A 228 2.50 -11.85 -11.48
N GLN A 229 2.38 -11.13 -10.36
CA GLN A 229 3.51 -10.90 -9.45
C GLN A 229 3.96 -12.21 -8.81
N ILE A 230 2.97 -13.03 -8.40
CA ILE A 230 3.23 -14.34 -7.82
C ILE A 230 3.89 -15.27 -8.85
N LEU A 231 3.37 -15.27 -10.07
CA LEU A 231 3.88 -16.12 -11.15
C LEU A 231 5.29 -15.72 -11.59
N LYS A 232 5.62 -14.44 -11.38
CA LYS A 232 6.94 -13.92 -11.71
C LYS A 232 7.87 -13.87 -10.50
N ALA A 233 7.35 -14.26 -9.34
CA ALA A 233 8.10 -14.20 -8.06
C ALA A 233 8.83 -12.86 -7.88
N GLU A 234 8.10 -11.77 -8.13
CA GLU A 234 8.66 -10.42 -8.04
C GLU A 234 8.26 -9.77 -6.72
N TYR A 235 9.25 -9.58 -5.86
CA TYR A 235 9.05 -9.01 -4.53
C TYR A 235 10.35 -8.38 -4.02
N GLU A 236 10.23 -7.46 -3.07
CA GLU A 236 11.40 -6.79 -2.51
C GLU A 236 11.36 -6.63 -0.99
N PHE A 237 12.55 -6.50 -0.40
CA PHE A 237 12.71 -6.16 1.00
C PHE A 237 12.77 -4.64 1.13
N ASP A 238 11.63 -4.00 0.94
CA ASP A 238 11.54 -2.54 0.86
C ASP A 238 11.81 -1.86 2.20
N SER A 239 12.46 -0.70 2.13
CA SER A 239 12.77 0.09 3.33
C SER A 239 11.57 0.95 3.75
N PRO A 240 11.49 1.29 5.06
CA PRO A 240 12.41 0.96 6.14
C PRO A 240 11.99 -0.29 6.92
N TYR A 241 10.90 -0.92 6.49
CA TYR A 241 10.36 -2.11 7.14
C TYR A 241 11.38 -3.25 7.18
N TRP A 242 12.30 -3.24 6.21
CA TRP A 242 13.33 -4.27 6.12
C TRP A 242 14.74 -3.74 6.40
N ASP A 243 14.82 -2.64 7.15
CA ASP A 243 16.11 -2.04 7.52
C ASP A 243 16.79 -2.74 8.70
N ASP A 244 16.00 -3.18 9.68
CA ASP A 244 16.52 -3.81 10.90
C ASP A 244 16.70 -5.32 10.76
N ILE A 245 16.11 -5.89 9.73
CA ILE A 245 16.19 -7.33 9.44
C ILE A 245 17.59 -7.68 8.92
N SER A 246 18.14 -8.79 9.44
CA SER A 246 19.45 -9.28 9.05
C SER A 246 19.45 -9.77 7.60
N ASP A 247 20.64 -9.87 7.02
CA ASP A 247 20.81 -10.37 5.67
C ASP A 247 20.55 -11.88 5.54
N SER A 248 20.83 -12.62 6.61
CA SER A 248 20.67 -14.07 6.64
C SER A 248 19.21 -14.49 6.51
N ALA A 249 18.33 -13.72 7.14
CA ALA A 249 16.88 -13.91 7.06
C ALA A 249 16.36 -13.64 5.64
N LYS A 250 16.97 -12.66 4.98
CA LYS A 250 16.60 -12.28 3.61
C LYS A 250 17.01 -13.38 2.64
N ASP A 251 18.27 -13.82 2.73
CA ASP A 251 18.80 -14.92 1.92
C ASP A 251 17.97 -16.18 2.13
N PHE A 252 17.65 -16.49 3.38
CA PHE A 252 16.76 -17.60 3.73
C PHE A 252 15.43 -17.52 2.97
N ILE A 253 14.75 -16.39 3.11
CA ILE A 253 13.47 -16.14 2.41
C ILE A 253 13.61 -16.23 0.89
N ARG A 254 14.70 -15.69 0.35
CA ARG A 254 14.99 -15.75 -1.09
C ARG A 254 15.07 -17.18 -1.63
N HIS A 255 15.60 -18.09 -0.81
CA HIS A 255 15.80 -19.49 -1.21
C HIS A 255 14.53 -20.35 -1.13
N LEU A 256 13.54 -19.88 -0.37
CA LEU A 256 12.23 -20.54 -0.32
C LEU A 256 11.23 -19.88 -1.29
N MET A 257 11.29 -18.55 -1.37
CA MET A 257 10.47 -17.83 -2.33
C MET A 257 11.17 -17.75 -3.69
N GLU A 258 11.55 -18.93 -4.17
CA GLU A 258 12.19 -19.11 -5.46
C GLU A 258 11.14 -19.63 -6.45
N LYS A 259 11.09 -19.01 -7.63
CA LYS A 259 10.12 -19.37 -8.67
C LYS A 259 10.31 -20.80 -9.15
N ASP A 260 11.57 -21.14 -9.48
CA ASP A 260 11.95 -22.50 -9.89
C ASP A 260 11.82 -23.49 -8.72
N PRO A 261 10.95 -24.50 -8.86
CA PRO A 261 10.74 -25.48 -7.80
C PRO A 261 11.94 -26.40 -7.56
N GLU A 262 12.85 -26.47 -8.53
CA GLU A 262 14.06 -27.31 -8.40
C GLU A 262 15.24 -26.56 -7.76
N LYS A 263 15.16 -25.22 -7.74
CA LYS A 263 16.18 -24.40 -7.08
C LYS A 263 15.76 -24.05 -5.66
N ARG A 264 14.45 -24.10 -5.42
CA ARG A 264 13.84 -23.86 -4.12
C ARG A 264 14.37 -24.82 -3.05
N PHE A 265 14.63 -24.29 -1.86
CA PHE A 265 15.04 -25.10 -0.72
C PHE A 265 13.98 -26.14 -0.37
N THR A 266 14.42 -27.35 -0.06
CA THR A 266 13.54 -28.33 0.53
C THR A 266 13.32 -27.94 1.99
N CYS A 267 12.47 -28.67 2.70
CA CYS A 267 12.31 -28.47 4.14
C CYS A 267 13.63 -28.76 4.85
N GLU A 268 14.31 -29.80 4.38
CA GLU A 268 15.59 -30.22 4.93
C GLU A 268 16.69 -29.16 4.80
N GLN A 269 16.81 -28.57 3.63
CA GLN A 269 17.83 -27.56 3.36
C GLN A 269 17.59 -26.27 4.15
N ALA A 270 16.34 -25.80 4.13
CA ALA A 270 15.94 -24.62 4.89
C ALA A 270 16.17 -24.82 6.39
N LEU A 271 16.05 -26.06 6.84
CA LEU A 271 16.25 -26.44 8.23
C LEU A 271 17.75 -26.44 8.55
N GLN A 272 18.56 -26.49 7.49
CA GLN A 272 20.02 -26.50 7.62
C GLN A 272 20.63 -25.10 7.45
N HIS A 273 19.79 -24.13 7.07
CA HIS A 273 20.21 -22.75 6.85
C HIS A 273 20.55 -22.09 8.19
N PRO A 274 21.66 -21.30 8.23
CA PRO A 274 22.12 -20.58 9.42
C PRO A 274 20.99 -19.85 10.19
N TRP A 275 20.05 -19.27 9.45
CA TRP A 275 18.92 -18.57 10.08
C TRP A 275 18.05 -19.48 10.94
N ILE A 276 17.97 -20.76 10.57
CA ILE A 276 17.22 -21.76 11.33
C ILE A 276 18.13 -22.62 12.20
N ALA A 277 19.20 -23.14 11.60
CA ALA A 277 20.14 -24.03 12.31
C ALA A 277 21.21 -23.30 13.13
N GLY A 278 21.48 -22.05 12.77
CA GLY A 278 22.55 -21.28 13.40
C GLY A 278 22.09 -20.21 14.38
N ASP A 279 22.87 -19.14 14.47
CA ASP A 279 22.64 -18.08 15.43
C ASP A 279 22.62 -16.70 14.75
N THR A 280 22.02 -16.64 13.56
CA THR A 280 22.01 -15.43 12.74
C THR A 280 20.77 -14.55 12.91
N ALA A 281 19.70 -15.13 13.43
CA ALA A 281 18.48 -14.38 13.74
C ALA A 281 18.75 -13.39 14.87
N LEU A 282 18.42 -12.13 14.62
CA LEU A 282 18.72 -11.06 15.57
C LEU A 282 17.74 -11.00 16.75
N ASP A 283 18.13 -10.29 17.80
CA ASP A 283 17.26 -10.08 18.96
C ASP A 283 16.81 -8.62 19.07
N LYS A 284 16.62 -7.97 17.92
CA LYS A 284 16.09 -6.61 17.83
C LYS A 284 14.58 -6.62 18.05
N ASN A 285 14.10 -5.74 18.92
CA ASN A 285 12.66 -5.58 19.12
C ASN A 285 12.00 -4.95 17.88
N ILE A 286 11.46 -5.80 17.01
CA ILE A 286 10.80 -5.35 15.78
C ILE A 286 9.28 -5.49 15.85
N HIS A 287 8.72 -5.42 17.06
CA HIS A 287 7.29 -5.68 17.26
C HIS A 287 6.35 -4.59 16.72
N GLN A 288 6.50 -3.36 17.22
CA GLN A 288 5.56 -2.27 16.91
C GLN A 288 5.22 -2.17 15.42
N SER A 289 6.24 -2.17 14.57
CA SER A 289 6.09 -2.06 13.12
C SER A 289 5.39 -3.26 12.50
N VAL A 290 5.88 -4.46 12.82
CA VAL A 290 5.27 -5.71 12.31
C VAL A 290 3.82 -5.84 12.75
N SER A 291 3.56 -5.52 14.03
CA SER A 291 2.22 -5.56 14.61
C SER A 291 1.24 -4.62 13.91
N GLU A 292 1.65 -3.36 13.73
CA GLU A 292 0.81 -2.37 13.04
C GLU A 292 0.51 -2.76 11.59
N GLN A 293 1.52 -3.27 10.88
CA GLN A 293 1.34 -3.77 9.51
C GLN A 293 0.34 -4.92 9.42
N ILE A 294 0.40 -5.84 10.38
CA ILE A 294 -0.55 -6.96 10.47
C ILE A 294 -1.98 -6.45 10.70
N LYS A 295 -2.13 -5.54 11.66
CA LYS A 295 -3.42 -4.92 11.96
C LYS A 295 -4.02 -4.21 10.74
N LYS A 296 -3.14 -3.66 9.91
CA LYS A 296 -3.54 -2.97 8.69
C LYS A 296 -3.97 -3.95 7.59
N ASN A 297 -3.20 -5.01 7.41
CA ASN A 297 -3.39 -5.92 6.27
C ASN A 297 -4.24 -7.15 6.56
N PHE A 298 -4.59 -7.35 7.83
CA PHE A 298 -5.46 -8.45 8.24
C PHE A 298 -6.55 -7.94 9.18
N ALA A 299 -7.80 -8.11 8.75
CA ALA A 299 -8.97 -7.54 9.42
C ALA A 299 -9.14 -8.03 10.87
N LYS A 300 -9.01 -9.33 11.06
CA LYS A 300 -9.18 -9.98 12.36
C LYS A 300 -8.29 -9.40 13.47
N SER A 301 -7.08 -9.00 13.10
CA SER A 301 -6.03 -8.63 14.06
C SER A 301 -6.23 -7.31 14.81
N LYS A 302 -6.67 -6.28 14.10
CA LYS A 302 -6.78 -4.91 14.64
C LYS A 302 -7.51 -4.82 15.99
N TRP A 303 -8.56 -5.63 16.14
CA TRP A 303 -9.37 -5.64 17.35
C TRP A 303 -9.17 -6.90 18.21
N LYS A 304 -8.44 -7.88 17.68
CA LYS A 304 -7.96 -9.00 18.47
C LYS A 304 -7.00 -8.50 19.53
N GLN A 305 -6.18 -7.51 19.14
CA GLN A 305 -5.32 -6.78 20.06
C GLN A 305 -6.17 -6.01 21.08
N ALA A 306 -7.31 -5.50 20.62
CA ALA A 306 -8.21 -4.70 21.46
C ALA A 306 -8.98 -5.54 22.48
N PHE A 307 -9.56 -6.66 22.04
CA PHE A 307 -10.25 -7.59 22.95
C PHE A 307 -9.32 -8.05 24.06
N ASN A 308 -8.15 -8.56 23.66
CA ASN A 308 -7.15 -9.05 24.59
C ASN A 308 -6.65 -7.95 25.53
N ALA A 309 -6.45 -6.75 24.98
CA ALA A 309 -6.03 -5.58 25.76
C ALA A 309 -7.03 -5.24 26.87
N THR A 310 -8.31 -5.46 26.62
CA THR A 310 -9.35 -5.18 27.60
C THR A 310 -9.61 -6.37 28.52
N ALA A 311 -9.58 -7.58 27.96
CA ALA A 311 -9.83 -8.81 28.72
C ALA A 311 -8.76 -9.09 29.78
N VAL A 312 -7.52 -8.70 29.49
CA VAL A 312 -6.39 -8.93 30.40
C VAL A 312 -6.42 -8.02 31.63
N VAL A 313 -7.08 -6.87 31.48
CA VAL A 313 -7.20 -5.87 32.54
C VAL A 313 -7.92 -6.44 33.79
N ARG A 314 -8.80 -7.41 33.55
CA ARG A 314 -9.49 -8.11 34.64
C ARG A 314 -8.84 -9.45 34.91
N GLU B 14 -22.22 48.16 -6.97
CA GLU B 14 -23.33 47.71 -6.07
C GLU B 14 -23.52 46.19 -6.13
N ASP B 15 -23.71 45.67 -7.34
CA ASP B 15 -23.85 44.25 -7.57
C ASP B 15 -22.90 43.81 -8.69
N ILE B 16 -22.19 42.71 -8.46
CA ILE B 16 -21.26 42.17 -9.45
C ILE B 16 -22.01 41.57 -10.66
N ARG B 17 -23.25 41.17 -10.42
CA ARG B 17 -24.10 40.60 -11.48
C ARG B 17 -24.53 41.65 -12.51
N ASP B 18 -24.24 42.92 -12.23
CA ASP B 18 -24.42 44.00 -13.19
C ASP B 18 -23.33 43.93 -14.27
N ILE B 19 -22.18 43.39 -13.90
CA ILE B 19 -21.02 43.28 -14.79
C ILE B 19 -20.84 41.86 -15.33
N TYR B 20 -21.09 40.86 -14.49
CA TYR B 20 -20.85 39.47 -14.90
C TYR B 20 -22.08 38.57 -14.85
N ASP B 21 -22.24 37.80 -15.91
CA ASP B 21 -23.23 36.74 -15.94
C ASP B 21 -22.61 35.50 -15.31
N PHE B 22 -22.98 35.22 -14.07
CA PHE B 22 -22.47 34.06 -13.33
C PHE B 22 -23.13 32.79 -13.85
N ARG B 23 -22.31 31.85 -14.32
CA ARG B 23 -22.81 30.60 -14.90
C ARG B 23 -22.38 29.38 -14.10
N ASP B 24 -21.72 28.42 -14.76
CA ASP B 24 -21.38 27.12 -14.16
C ASP B 24 -20.23 27.16 -13.17
N VAL B 25 -20.36 26.39 -12.09
CA VAL B 25 -19.28 26.15 -11.13
C VAL B 25 -18.20 25.28 -11.78
N LEU B 26 -16.97 25.80 -11.82
CA LEU B 26 -15.86 25.08 -12.44
C LEU B 26 -15.05 24.25 -11.44
N GLY B 27 -15.07 24.67 -10.18
CA GLY B 27 -14.31 23.98 -9.14
C GLY B 27 -14.57 24.55 -7.76
N THR B 28 -14.30 23.73 -6.76
CA THR B 28 -14.55 24.08 -5.37
C THR B 28 -13.26 24.01 -4.58
N GLY B 29 -13.12 24.92 -3.61
CA GLY B 29 -12.00 24.89 -2.68
C GLY B 29 -12.45 24.76 -1.25
N ALA B 30 -11.53 25.00 -0.32
CA ALA B 30 -11.82 24.96 1.11
C ALA B 30 -12.79 26.07 1.51
N PHE B 31 -12.45 27.31 1.13
CA PHE B 31 -13.26 28.47 1.47
C PHE B 31 -13.58 29.31 0.22
N SER B 32 -13.59 28.65 -0.94
CA SER B 32 -13.79 29.32 -2.21
C SER B 32 -14.43 28.43 -3.27
N GLU B 33 -14.86 29.05 -4.36
CA GLU B 33 -15.26 28.31 -5.56
C GLU B 33 -15.00 29.13 -6.81
N VAL B 34 -14.64 28.43 -7.89
CA VAL B 34 -14.32 29.06 -9.16
C VAL B 34 -15.49 28.84 -10.11
N ILE B 35 -15.91 29.91 -10.79
CA ILE B 35 -17.16 29.92 -11.55
C ILE B 35 -16.96 30.54 -12.94
N LEU B 36 -17.50 29.86 -13.94
CA LEU B 36 -17.53 30.39 -15.30
C LEU B 36 -18.45 31.61 -15.35
N ALA B 37 -17.94 32.69 -15.94
CA ALA B 37 -18.74 33.91 -16.08
C ALA B 37 -18.47 34.63 -17.39
N GLU B 38 -19.52 35.23 -17.94
CA GLU B 38 -19.40 36.04 -19.14
C GLU B 38 -19.40 37.52 -18.78
N ASP B 39 -18.39 38.25 -19.28
CA ASP B 39 -18.32 39.69 -19.10
C ASP B 39 -19.36 40.37 -19.99
N LYS B 40 -20.47 40.81 -19.38
CA LYS B 40 -21.57 41.45 -20.11
C LYS B 40 -21.12 42.64 -20.97
N ARG B 41 -20.06 43.32 -20.52
CA ARG B 41 -19.51 44.47 -21.23
C ARG B 41 -18.78 44.08 -22.52
N THR B 42 -18.00 43.00 -22.46
CA THR B 42 -17.13 42.60 -23.58
C THR B 42 -17.43 41.20 -24.16
N GLN B 43 -18.32 40.46 -23.50
CA GLN B 43 -18.80 39.13 -23.94
C GLN B 43 -17.79 37.97 -23.82
N LYS B 44 -16.59 38.24 -23.33
CA LYS B 44 -15.58 37.19 -23.17
C LYS B 44 -15.76 36.39 -21.88
N LEU B 45 -15.43 35.11 -21.94
CA LEU B 45 -15.57 34.21 -20.80
C LEU B 45 -14.38 34.30 -19.85
N VAL B 46 -14.67 34.37 -18.55
CA VAL B 46 -13.65 34.41 -17.51
C VAL B 46 -13.94 33.36 -16.43
N ALA B 47 -13.02 33.24 -15.48
CA ALA B 47 -13.23 32.38 -14.32
C ALA B 47 -13.10 33.21 -13.05
N ILE B 48 -14.19 33.29 -12.28
CA ILE B 48 -14.21 34.08 -11.05
C ILE B 48 -14.09 33.22 -9.80
N LYS B 49 -13.03 33.44 -9.02
CA LYS B 49 -12.88 32.83 -7.71
C LYS B 49 -13.63 33.68 -6.69
N CYS B 50 -14.70 33.12 -6.13
CA CYS B 50 -15.47 33.80 -5.10
C CYS B 50 -14.96 33.37 -3.73
N ILE B 51 -14.54 34.36 -2.94
CA ILE B 51 -13.93 34.10 -1.64
C ILE B 51 -14.67 34.81 -0.50
N ALA B 52 -15.08 34.03 0.50
CA ALA B 52 -15.74 34.57 1.68
C ALA B 52 -14.76 35.35 2.56
N LYS B 53 -15.26 36.38 3.24
CA LYS B 53 -14.44 37.19 4.14
C LYS B 53 -14.40 36.59 5.53
N GLU B 66 -1.43 42.27 -0.31
CA GLU B 66 -0.84 42.94 -1.45
C GLU B 66 -1.36 42.37 -2.78
N ILE B 67 -2.59 42.73 -3.12
CA ILE B 67 -3.20 42.36 -4.40
C ILE B 67 -2.59 43.17 -5.55
N ALA B 68 -1.80 44.18 -5.18
CA ALA B 68 -1.09 45.03 -6.15
C ALA B 68 -0.02 44.27 -6.93
N VAL B 69 0.55 43.25 -6.30
CA VAL B 69 1.62 42.45 -6.88
C VAL B 69 1.08 41.38 -7.84
N LEU B 70 -0.08 40.81 -7.51
CA LEU B 70 -0.67 39.71 -8.28
C LEU B 70 -1.26 40.14 -9.62
N HIS B 71 -1.73 41.39 -9.67
CA HIS B 71 -2.24 41.98 -10.92
C HIS B 71 -1.07 42.32 -11.85
N LYS B 72 0.14 42.38 -11.28
CA LYS B 72 1.37 42.64 -12.04
C LYS B 72 2.01 41.37 -12.60
N ILE B 73 1.36 40.23 -12.41
CA ILE B 73 1.84 38.96 -12.96
C ILE B 73 1.52 38.86 -14.45
N LYS B 74 2.55 38.65 -15.26
CA LYS B 74 2.40 38.47 -16.71
C LYS B 74 3.35 37.37 -17.21
N HIS B 75 2.96 36.13 -16.97
CA HIS B 75 3.75 34.96 -17.36
C HIS B 75 2.82 33.97 -18.05
N PRO B 76 3.29 33.33 -19.14
CA PRO B 76 2.45 32.41 -19.90
C PRO B 76 1.95 31.18 -19.12
N ASN B 77 2.65 30.79 -18.07
CA ASN B 77 2.30 29.59 -17.32
C ASN B 77 1.68 29.87 -15.95
N ILE B 78 1.13 31.07 -15.80
CA ILE B 78 0.42 31.46 -14.58
C ILE B 78 -0.90 32.09 -15.00
N VAL B 79 -1.98 31.65 -14.36
CA VAL B 79 -3.32 32.19 -14.61
C VAL B 79 -3.33 33.65 -14.18
N ALA B 80 -3.62 34.52 -15.14
CA ALA B 80 -3.59 35.96 -14.93
C ALA B 80 -4.77 36.42 -14.08
N LEU B 81 -4.49 37.33 -13.16
CA LEU B 81 -5.53 38.02 -12.40
C LEU B 81 -5.85 39.32 -13.12
N ASP B 82 -7.07 39.41 -13.65
CA ASP B 82 -7.47 40.55 -14.46
C ASP B 82 -8.12 41.67 -13.64
N ASP B 83 -8.85 41.29 -12.59
CA ASP B 83 -9.58 42.27 -11.78
C ASP B 83 -10.01 41.72 -10.43
N ILE B 84 -10.29 42.63 -9.49
CA ILE B 84 -10.87 42.29 -8.19
C ILE B 84 -12.09 43.18 -7.94
N TYR B 85 -13.18 42.57 -7.49
CA TYR B 85 -14.38 43.32 -7.11
C TYR B 85 -14.78 42.98 -5.67
N GLU B 86 -14.91 44.02 -4.85
CA GLU B 86 -15.30 43.86 -3.45
C GLU B 86 -16.81 44.00 -3.27
N SER B 87 -17.39 43.15 -2.44
CA SER B 87 -18.81 43.20 -2.12
C SER B 87 -19.05 43.20 -0.61
N GLY B 88 -20.32 43.11 -0.22
CA GLY B 88 -20.73 43.11 1.19
C GLY B 88 -19.87 42.25 2.10
N GLY B 89 -19.60 41.02 1.68
CA GLY B 89 -18.77 40.10 2.44
C GLY B 89 -18.11 39.00 1.62
N HIS B 90 -17.89 39.27 0.33
CA HIS B 90 -17.26 38.31 -0.56
C HIS B 90 -16.33 38.98 -1.56
N LEU B 91 -15.13 38.42 -1.72
CA LEU B 91 -14.16 38.90 -2.70
C LEU B 91 -14.26 38.11 -4.01
N TYR B 92 -14.29 38.84 -5.11
CA TYR B 92 -14.45 38.24 -6.42
C TYR B 92 -13.23 38.46 -7.30
N LEU B 93 -12.42 37.42 -7.44
CA LEU B 93 -11.20 37.48 -8.24
C LEU B 93 -11.46 37.05 -9.68
N ILE B 94 -11.36 38.01 -10.60
CA ILE B 94 -11.62 37.77 -12.02
C ILE B 94 -10.36 37.24 -12.69
N MET B 95 -10.32 35.93 -12.89
CA MET B 95 -9.15 35.27 -13.48
C MET B 95 -9.35 34.98 -14.96
N GLN B 96 -8.22 34.86 -15.66
CA GLN B 96 -8.19 34.27 -17.00
C GLN B 96 -8.75 32.85 -16.93
N LEU B 97 -9.65 32.52 -17.85
CA LEU B 97 -10.26 31.21 -17.92
C LEU B 97 -9.30 30.13 -18.46
N VAL B 98 -9.34 28.98 -17.80
CA VAL B 98 -8.58 27.78 -18.17
C VAL B 98 -9.55 26.63 -18.40
N SER B 99 -9.31 25.81 -19.43
CA SER B 99 -10.30 24.82 -19.85
C SER B 99 -9.76 23.40 -20.09
N GLY B 100 -8.56 23.11 -19.58
CA GLY B 100 -7.91 21.83 -19.84
C GLY B 100 -8.00 20.78 -18.74
N GLY B 101 -8.36 21.19 -17.53
CA GLY B 101 -8.45 20.27 -16.39
C GLY B 101 -7.18 20.18 -15.58
N GLU B 102 -7.29 19.56 -14.41
CA GLU B 102 -6.19 19.41 -13.46
C GLU B 102 -5.08 18.49 -13.98
N LEU B 103 -3.91 18.61 -13.35
CA LEU B 103 -2.69 17.95 -13.81
C LEU B 103 -2.82 16.45 -14.06
N PHE B 104 -3.38 15.72 -13.10
CA PHE B 104 -3.40 14.26 -13.14
C PHE B 104 -4.54 13.66 -13.97
N ASP B 105 -5.60 14.44 -14.16
CA ASP B 105 -6.75 13.99 -14.96
C ASP B 105 -6.34 13.79 -16.40
N ARG B 106 -5.66 14.79 -16.96
CA ARG B 106 -5.18 14.75 -18.34
C ARG B 106 -4.21 13.59 -18.58
N ILE B 107 -3.29 13.38 -17.65
CA ILE B 107 -2.32 12.29 -17.75
C ILE B 107 -3.02 10.93 -17.75
N VAL B 108 -4.05 10.79 -16.93
CA VAL B 108 -4.83 9.56 -16.87
C VAL B 108 -5.67 9.35 -18.16
N GLU B 109 -6.02 10.44 -18.82
CA GLU B 109 -6.91 10.41 -19.99
C GLU B 109 -6.21 10.30 -21.35
N LYS B 110 -4.93 10.65 -21.40
CA LYS B 110 -4.16 10.56 -22.65
C LYS B 110 -3.35 9.26 -22.69
N GLY B 111 -3.26 8.67 -23.89
CA GLY B 111 -2.75 7.30 -24.04
C GLY B 111 -1.27 7.08 -24.33
N PHE B 112 -0.48 8.15 -24.35
CA PHE B 112 0.97 8.03 -24.48
C PHE B 112 1.64 9.04 -23.55
N TYR B 113 2.55 8.55 -22.70
CA TYR B 113 3.20 9.40 -21.70
C TYR B 113 4.64 8.94 -21.45
N THR B 114 5.58 9.88 -21.50
CA THR B 114 7.00 9.60 -21.38
C THR B 114 7.63 10.48 -20.30
N GLU B 115 8.90 10.23 -20.00
CA GLU B 115 9.67 11.08 -19.11
C GLU B 115 9.76 12.52 -19.64
N ARG B 116 9.82 12.65 -20.97
CA ARG B 116 9.93 13.96 -21.61
C ARG B 116 8.69 14.81 -21.41
N ASP B 117 7.52 14.18 -21.45
CA ASP B 117 6.24 14.85 -21.15
C ASP B 117 6.25 15.42 -19.73
N ALA B 118 6.76 14.63 -18.79
CA ALA B 118 6.88 15.02 -17.39
C ALA B 118 7.92 16.12 -17.20
N SER B 119 9.03 15.99 -17.93
CA SER B 119 10.10 16.98 -17.96
C SER B 119 9.64 18.33 -18.50
N ARG B 120 8.81 18.32 -19.55
CA ARG B 120 8.25 19.55 -20.12
C ARG B 120 7.28 20.21 -19.14
N LEU B 121 6.50 19.39 -18.43
CA LEU B 121 5.56 19.89 -17.43
C LEU B 121 6.29 20.61 -16.30
N ILE B 122 7.32 19.96 -15.76
CA ILE B 122 8.11 20.51 -14.67
C ILE B 122 8.87 21.78 -15.08
N PHE B 123 9.47 21.77 -16.28
CA PHE B 123 10.12 22.97 -16.82
C PHE B 123 9.21 24.19 -16.71
N GLN B 124 7.96 24.04 -17.17
CA GLN B 124 6.98 25.12 -17.14
C GLN B 124 6.68 25.59 -15.72
N VAL B 125 6.60 24.64 -14.80
CA VAL B 125 6.36 24.93 -13.39
C VAL B 125 7.57 25.61 -12.76
N LEU B 126 8.78 25.13 -13.09
CA LEU B 126 10.02 25.73 -12.60
C LEU B 126 10.19 27.15 -13.12
N ASP B 127 9.84 27.36 -14.40
CA ASP B 127 9.88 28.67 -15.04
C ASP B 127 8.93 29.64 -14.32
N ALA B 128 7.68 29.22 -14.19
CA ALA B 128 6.65 30.04 -13.55
C ALA B 128 6.96 30.38 -12.09
N VAL B 129 7.41 29.40 -11.32
CA VAL B 129 7.76 29.62 -9.90
C VAL B 129 8.98 30.52 -9.73
N LYS B 130 9.98 30.35 -10.59
CA LYS B 130 11.16 31.24 -10.62
C LYS B 130 10.73 32.70 -10.80
N TYR B 131 9.76 32.91 -11.69
CA TYR B 131 9.18 34.23 -11.93
C TYR B 131 8.43 34.77 -10.70
N LEU B 132 7.66 33.90 -10.04
CA LEU B 132 6.97 34.26 -8.81
C LEU B 132 7.94 34.64 -7.69
N HIS B 133 9.07 33.94 -7.63
CA HIS B 133 10.11 34.25 -6.66
C HIS B 133 10.78 35.61 -6.93
N ASP B 134 10.94 35.94 -8.21
CA ASP B 134 11.47 37.25 -8.61
C ASP B 134 10.59 38.38 -8.08
N LEU B 135 9.29 38.13 -8.03
CA LEU B 135 8.31 39.10 -7.54
C LEU B 135 8.14 39.08 -6.02
N GLY B 136 8.69 38.06 -5.36
CA GLY B 136 8.64 37.96 -3.90
C GLY B 136 7.52 37.08 -3.37
N ILE B 137 6.88 36.35 -4.28
CA ILE B 137 5.76 35.48 -3.93
C ILE B 137 6.24 34.07 -3.59
N VAL B 138 5.51 33.39 -2.72
CA VAL B 138 5.87 32.04 -2.32
C VAL B 138 4.60 31.21 -2.13
N HIS B 139 4.26 30.42 -3.14
CA HIS B 139 3.08 29.56 -3.08
C HIS B 139 2.96 28.89 -1.72
N ARG B 140 3.98 28.13 -1.34
CA ARG B 140 4.01 27.41 -0.08
C ARG B 140 2.96 26.30 -0.03
N ASP B 141 2.00 26.37 -0.93
CA ASP B 141 0.94 25.38 -1.03
C ASP B 141 0.79 24.85 -2.46
N LEU B 142 1.91 24.68 -3.14
CA LEU B 142 1.91 24.18 -4.51
C LEU B 142 1.46 22.72 -4.55
N LYS B 143 0.40 22.47 -5.30
CA LYS B 143 -0.17 21.12 -5.43
C LYS B 143 -0.77 20.91 -6.81
N PRO B 144 -1.02 19.65 -7.17
CA PRO B 144 -1.54 19.29 -8.50
C PRO B 144 -2.93 19.84 -8.81
N GLU B 145 -3.72 20.14 -7.78
CA GLU B 145 -5.02 20.80 -7.94
C GLU B 145 -4.83 22.21 -8.48
N ASN B 146 -3.71 22.83 -8.10
CA ASN B 146 -3.36 24.18 -8.55
C ASN B 146 -2.66 24.21 -9.90
N LEU B 147 -2.44 23.03 -10.48
CA LEU B 147 -1.80 22.91 -11.79
C LEU B 147 -2.84 22.49 -12.82
N LEU B 148 -3.17 23.45 -13.69
CA LEU B 148 -4.26 23.29 -14.64
C LEU B 148 -3.78 23.47 -16.08
N TYR B 149 -4.35 22.69 -16.99
CA TYR B 149 -4.08 22.81 -18.42
C TYR B 149 -4.88 23.94 -19.03
N TYR B 150 -4.23 24.73 -19.89
CA TYR B 150 -4.84 25.89 -20.52
C TYR B 150 -6.02 25.55 -21.43
N SER B 151 -5.92 24.43 -22.13
CA SER B 151 -6.95 24.00 -23.08
C SER B 151 -7.00 22.48 -23.17
N LEU B 152 -8.03 21.97 -23.86
CA LEU B 152 -8.23 20.53 -24.03
C LEU B 152 -7.24 19.91 -25.02
N ASP B 153 -6.46 20.77 -25.69
CA ASP B 153 -5.46 20.33 -26.68
C ASP B 153 -4.53 19.27 -26.15
N GLU B 154 -4.12 18.37 -27.04
CA GLU B 154 -3.25 17.25 -26.71
C GLU B 154 -1.95 17.68 -26.05
N ASP B 155 -1.39 18.80 -26.50
CA ASP B 155 -0.13 19.32 -25.96
C ASP B 155 -0.32 20.65 -25.24
N SER B 156 -1.39 20.76 -24.47
CA SER B 156 -1.69 21.97 -23.71
C SER B 156 -0.60 22.28 -22.69
N LYS B 157 -0.26 23.56 -22.58
CA LYS B 157 0.67 24.02 -21.55
C LYS B 157 0.01 23.92 -20.18
N ILE B 158 0.84 23.85 -19.13
CA ILE B 158 0.34 23.83 -17.76
C ILE B 158 0.36 25.24 -17.16
N MET B 159 -0.58 25.50 -16.25
CA MET B 159 -0.77 26.81 -15.64
C MET B 159 -0.80 26.71 -14.11
N ILE B 160 -0.15 27.66 -13.44
CA ILE B 160 -0.36 27.84 -12.00
C ILE B 160 -1.56 28.77 -11.81
N SER B 161 -2.59 28.27 -11.13
CA SER B 161 -3.83 29.00 -10.96
C SER B 161 -3.91 29.72 -9.62
N ASP B 162 -3.49 29.02 -8.56
CA ASP B 162 -3.55 29.57 -7.21
C ASP B 162 -2.45 30.60 -6.99
N PHE B 163 -2.76 31.62 -6.20
CA PHE B 163 -1.80 32.69 -5.90
C PHE B 163 -1.26 32.55 -4.47
N VAL B 174 -2.25 26.97 6.41
CA VAL B 174 -0.95 26.34 6.66
C VAL B 174 -1.12 24.83 6.83
N LEU B 175 -1.59 24.43 8.02
CA LEU B 175 -1.74 23.02 8.36
C LEU B 175 -2.99 22.44 7.70
N SER B 176 -3.90 23.33 7.32
CA SER B 176 -5.08 22.96 6.52
C SER B 176 -4.65 22.22 5.26
N THR B 177 -3.54 22.68 4.67
CA THR B 177 -3.00 22.12 3.44
C THR B 177 -2.00 21.00 3.73
N ALA B 178 -1.36 21.05 4.88
CA ALA B 178 -0.40 20.02 5.31
C ALA B 178 -1.11 18.72 5.67
N CYS B 179 -2.28 18.85 6.28
CA CYS B 179 -3.09 17.70 6.69
C CYS B 179 -3.87 17.13 5.51
N GLY B 180 -4.31 18.01 4.62
CA GLY B 180 -5.07 17.62 3.43
C GLY B 180 -4.19 17.08 2.31
N THR B 181 -3.17 17.85 1.94
CA THR B 181 -2.24 17.47 0.88
C THR B 181 -0.88 17.08 1.46
N PRO B 182 -0.64 15.76 1.60
CA PRO B 182 0.55 15.24 2.30
C PRO B 182 1.79 15.13 1.40
N GLY B 183 2.94 15.55 1.94
CA GLY B 183 4.20 15.45 1.20
C GLY B 183 4.61 16.73 0.52
N TYR B 184 3.63 17.44 -0.04
CA TYR B 184 3.87 18.69 -0.78
C TYR B 184 4.48 19.77 0.10
N VAL B 185 4.22 19.67 1.41
CA VAL B 185 4.74 20.63 2.38
C VAL B 185 6.16 20.24 2.79
N ALA B 186 7.07 21.21 2.71
CA ALA B 186 8.49 21.03 3.03
C ALA B 186 8.71 20.64 4.50
N PRO B 187 9.84 19.96 4.80
CA PRO B 187 10.21 19.61 6.18
C PRO B 187 10.34 20.82 7.10
N GLU B 188 10.85 21.95 6.59
CA GLU B 188 11.06 23.17 7.38
C GLU B 188 9.75 23.69 7.96
N VAL B 189 8.72 23.72 7.11
CA VAL B 189 7.40 24.25 7.48
C VAL B 189 6.72 23.37 8.53
N LEU B 190 6.90 22.06 8.41
CA LEU B 190 6.32 21.11 9.35
C LEU B 190 7.11 21.07 10.66
N ALA B 191 8.43 21.14 10.56
CA ALA B 191 9.30 21.21 11.73
C ALA B 191 9.23 22.56 12.43
N GLN B 192 8.44 23.48 11.86
CA GLN B 192 8.20 24.82 12.41
C GLN B 192 9.45 25.72 12.47
N LYS B 193 10.56 25.23 11.92
CA LYS B 193 11.80 25.99 11.84
C LYS B 193 11.75 26.98 10.66
N PRO B 194 12.66 27.99 10.63
CA PRO B 194 12.67 29.02 9.58
C PRO B 194 12.64 28.47 8.16
N TYR B 195 11.89 29.13 7.28
CA TYR B 195 11.77 28.71 5.89
C TYR B 195 11.72 29.89 4.91
N SER B 196 11.89 29.59 3.63
CA SER B 196 11.92 30.62 2.58
C SER B 196 11.25 30.16 1.29
N LYS B 197 11.76 30.64 0.15
CA LYS B 197 11.27 30.27 -1.17
C LYS B 197 11.59 28.82 -1.54
N ALA B 198 12.58 28.25 -0.85
CA ALA B 198 13.02 26.87 -1.05
C ALA B 198 11.93 25.82 -0.81
N VAL B 199 10.91 26.19 -0.03
CA VAL B 199 9.79 25.28 0.27
C VAL B 199 8.94 24.95 -0.97
N ASP B 200 9.01 25.82 -1.98
CA ASP B 200 8.29 25.61 -3.23
C ASP B 200 9.01 24.61 -4.12
N CYS B 201 10.34 24.68 -4.11
CA CYS B 201 11.17 23.73 -4.84
C CYS B 201 10.99 22.30 -4.31
N TRP B 202 10.73 22.19 -3.01
CA TRP B 202 10.40 20.90 -2.39
C TRP B 202 9.10 20.35 -2.98
N SER B 203 8.06 21.17 -3.00
CA SER B 203 6.76 20.81 -3.55
C SER B 203 6.89 20.32 -4.99
N ILE B 204 7.66 21.04 -5.81
CA ILE B 204 7.88 20.68 -7.21
C ILE B 204 8.57 19.32 -7.31
N GLY B 205 9.48 19.05 -6.37
CA GLY B 205 10.17 17.76 -6.29
C GLY B 205 9.21 16.60 -6.04
N VAL B 206 8.28 16.82 -5.12
CA VAL B 206 7.24 15.85 -4.79
C VAL B 206 6.32 15.60 -5.99
N ILE B 207 5.90 16.67 -6.65
CA ILE B 207 5.08 16.58 -7.87
C ILE B 207 5.79 15.78 -8.96
N ALA B 208 7.10 16.02 -9.13
CA ALA B 208 7.90 15.30 -10.12
C ALA B 208 7.93 13.81 -9.85
N TYR B 209 8.07 13.44 -8.57
CA TYR B 209 8.01 12.05 -8.12
C TYR B 209 6.72 11.37 -8.57
N ILE B 210 5.58 11.99 -8.27
CA ILE B 210 4.26 11.44 -8.65
C ILE B 210 4.08 11.38 -10.18
N LEU B 211 4.54 12.41 -10.88
CA LEU B 211 4.45 12.44 -12.35
C LEU B 211 5.22 11.28 -12.99
N LEU B 212 6.08 10.63 -12.23
CA LEU B 212 6.97 9.60 -12.77
C LEU B 212 6.68 8.18 -12.27
N CYS B 213 5.74 8.04 -11.33
CA CYS B 213 5.40 6.72 -10.81
C CYS B 213 3.91 6.58 -10.50
N GLY B 214 3.25 7.71 -10.27
CA GLY B 214 1.80 7.73 -10.05
C GLY B 214 1.32 7.72 -8.61
N TYR B 215 2.25 7.64 -7.67
CA TYR B 215 1.91 7.63 -6.25
C TYR B 215 2.79 8.59 -5.45
N PRO B 216 2.25 9.14 -4.34
CA PRO B 216 3.01 10.01 -3.45
C PRO B 216 4.28 9.36 -2.91
N PRO B 217 5.35 10.15 -2.68
CA PRO B 217 6.57 9.60 -2.09
C PRO B 217 6.41 9.21 -0.62
N PHE B 218 5.45 9.85 0.05
CA PHE B 218 5.15 9.56 1.46
C PHE B 218 3.69 9.17 1.63
N TYR B 219 3.47 8.00 2.23
CA TYR B 219 2.12 7.52 2.55
C TYR B 219 2.11 6.66 3.80
N ASP B 220 1.11 6.91 4.66
CA ASP B 220 0.78 6.03 5.78
C ASP B 220 -0.65 6.28 6.23
N GLU B 221 -1.29 5.23 6.75
CA GLU B 221 -2.65 5.31 7.28
C GLU B 221 -2.71 6.19 8.53
N ASN B 222 -1.57 6.33 9.20
CA ASN B 222 -1.43 7.17 10.38
C ASN B 222 -0.95 8.57 10.02
N ASP B 223 -1.60 9.58 10.61
CA ASP B 223 -1.26 10.98 10.39
C ASP B 223 0.15 11.35 10.86
N ALA B 224 0.51 10.91 12.06
CA ALA B 224 1.81 11.24 12.67
C ALA B 224 2.96 10.44 12.05
N LYS B 225 2.65 9.26 11.51
CA LYS B 225 3.64 8.43 10.84
C LYS B 225 4.04 9.03 9.49
N LEU B 226 3.08 9.71 8.87
CA LEU B 226 3.29 10.42 7.61
C LEU B 226 4.21 11.63 7.82
N PHE B 227 3.89 12.45 8.81
CA PHE B 227 4.65 13.67 9.10
C PHE B 227 6.12 13.38 9.40
N GLU B 228 6.38 12.27 10.10
CA GLU B 228 7.74 11.86 10.44
C GLU B 228 8.56 11.47 9.21
N GLN B 229 7.95 10.69 8.30
CA GLN B 229 8.58 10.32 7.04
C GLN B 229 8.97 11.56 6.23
N ILE B 230 8.06 12.53 6.18
CA ILE B 230 8.31 13.81 5.50
C ILE B 230 9.39 14.60 6.22
N LEU B 231 9.27 14.71 7.54
CA LEU B 231 10.21 15.44 8.39
C LEU B 231 11.62 14.91 8.24
N LYS B 232 11.74 13.62 7.96
CA LYS B 232 13.04 12.97 7.78
C LYS B 232 13.45 12.87 6.30
N ALA B 233 12.58 13.36 5.42
CA ALA B 233 12.77 13.25 3.96
C ALA B 233 13.26 11.86 3.55
N GLU B 234 12.61 10.84 4.13
CA GLU B 234 12.98 9.45 3.87
C GLU B 234 12.05 8.83 2.83
N TYR B 235 12.63 8.50 1.68
CA TYR B 235 11.90 7.94 0.55
C TYR B 235 12.84 7.14 -0.33
N GLU B 236 12.27 6.30 -1.20
CA GLU B 236 13.08 5.47 -2.09
C GLU B 236 12.45 5.32 -3.48
N PHE B 237 13.29 4.99 -4.46
CA PHE B 237 12.83 4.74 -5.82
C PHE B 237 12.64 3.23 -6.01
N ASP B 238 11.56 2.73 -5.43
CA ASP B 238 11.31 1.29 -5.29
C ASP B 238 10.93 0.59 -6.58
N SER B 239 11.15 -0.73 -6.59
CA SER B 239 10.81 -1.57 -7.74
C SER B 239 9.36 -2.06 -7.66
N PRO B 240 8.75 -2.40 -8.82
CA PRO B 240 9.32 -2.29 -10.17
C PRO B 240 8.99 -0.97 -10.87
N TYR B 241 8.24 -0.11 -10.18
CA TYR B 241 7.71 1.13 -10.75
C TYR B 241 8.80 2.05 -11.29
N TRP B 242 9.92 2.12 -10.59
CA TRP B 242 11.01 3.02 -10.92
C TRP B 242 12.12 2.38 -11.77
N ASP B 243 11.85 1.21 -12.34
CA ASP B 243 12.86 0.46 -13.11
C ASP B 243 13.21 1.12 -14.45
N ASP B 244 12.20 1.47 -15.24
CA ASP B 244 12.43 2.08 -16.56
C ASP B 244 12.58 3.60 -16.52
N ILE B 245 12.84 4.13 -15.32
CA ILE B 245 13.07 5.56 -15.13
C ILE B 245 14.57 5.85 -15.12
N SER B 246 14.97 6.87 -15.88
CA SER B 246 16.38 7.27 -16.01
C SER B 246 16.99 7.66 -14.67
N ASP B 247 18.31 7.45 -14.54
CA ASP B 247 19.07 7.87 -13.37
C ASP B 247 19.05 9.40 -13.18
N SER B 248 19.02 10.13 -14.30
CA SER B 248 19.03 11.58 -14.31
C SER B 248 17.79 12.15 -13.63
N ALA B 249 16.64 11.54 -13.91
CA ALA B 249 15.36 11.89 -13.28
C ALA B 249 15.40 11.70 -11.75
N LYS B 250 15.96 10.57 -11.30
CA LYS B 250 16.10 10.29 -9.88
C LYS B 250 17.04 11.30 -9.22
N ASP B 251 18.19 11.54 -9.84
CA ASP B 251 19.14 12.55 -9.40
C ASP B 251 18.48 13.92 -9.26
N PHE B 252 17.68 14.28 -10.27
CA PHE B 252 16.96 15.53 -10.30
C PHE B 252 15.98 15.65 -9.13
N ILE B 253 15.15 14.62 -8.95
CA ILE B 253 14.17 14.57 -7.86
C ILE B 253 14.84 14.61 -6.48
N ARG B 254 15.99 13.95 -6.35
CA ARG B 254 16.77 13.96 -5.11
C ARG B 254 17.26 15.35 -4.73
N HIS B 255 17.68 16.14 -5.73
CA HIS B 255 18.17 17.49 -5.50
C HIS B 255 17.07 18.47 -5.08
N LEU B 256 15.83 18.21 -5.51
CA LEU B 256 14.66 19.00 -5.11
C LEU B 256 14.04 18.48 -3.82
N MET B 257 13.83 17.16 -3.73
CA MET B 257 13.34 16.54 -2.50
C MET B 257 14.49 16.35 -1.53
N GLU B 258 15.00 17.47 -1.03
CA GLU B 258 16.12 17.50 -0.12
C GLU B 258 15.67 18.10 1.22
N LYS B 259 16.02 17.42 2.31
CA LYS B 259 15.65 17.83 3.67
C LYS B 259 16.17 19.24 3.99
N ASP B 260 17.46 19.45 3.78
CA ASP B 260 18.12 20.72 4.04
C ASP B 260 17.81 21.73 2.92
N PRO B 261 17.10 22.82 3.25
CA PRO B 261 16.74 23.89 2.29
C PRO B 261 17.94 24.60 1.68
N GLU B 262 19.08 24.56 2.35
CA GLU B 262 20.34 25.10 1.83
C GLU B 262 20.88 24.25 0.69
N LYS B 263 20.84 22.93 0.87
CA LYS B 263 21.36 21.97 -0.11
C LYS B 263 20.37 21.72 -1.25
N ARG B 264 19.12 22.08 -1.03
CA ARG B 264 18.04 21.90 -1.99
C ARG B 264 18.24 22.82 -3.20
N PHE B 265 17.97 22.30 -4.40
CA PHE B 265 18.00 23.10 -5.62
C PHE B 265 17.05 24.29 -5.54
N THR B 266 17.48 25.43 -6.05
CA THR B 266 16.56 26.53 -6.35
C THR B 266 15.92 26.20 -7.70
N CYS B 267 14.94 27.01 -8.11
CA CYS B 267 14.32 26.82 -9.42
C CYS B 267 15.33 26.99 -10.54
N GLU B 268 16.27 27.91 -10.35
CA GLU B 268 17.33 28.17 -11.32
C GLU B 268 18.23 26.95 -11.53
N GLN B 269 18.71 26.36 -10.43
CA GLN B 269 19.60 25.20 -10.50
C GLN B 269 18.88 23.98 -11.07
N ALA B 270 17.64 23.78 -10.65
CA ALA B 270 16.80 22.70 -11.19
C ALA B 270 16.50 22.90 -12.68
N LEU B 271 16.45 24.16 -13.11
CA LEU B 271 16.13 24.52 -14.49
C LEU B 271 17.33 24.27 -15.42
N GLN B 272 18.51 24.11 -14.83
CA GLN B 272 19.76 23.85 -15.56
C GLN B 272 20.19 22.38 -15.49
N HIS B 273 19.47 21.58 -14.69
CA HIS B 273 19.75 20.15 -14.58
C HIS B 273 19.50 19.45 -15.92
N PRO B 274 20.37 18.48 -16.29
CA PRO B 274 20.26 17.75 -17.55
C PRO B 274 18.87 17.16 -17.85
N TRP B 275 18.09 16.84 -16.82
CA TRP B 275 16.73 16.32 -17.03
C TRP B 275 15.78 17.39 -17.58
N ILE B 276 16.09 18.66 -17.27
CA ILE B 276 15.28 19.78 -17.73
C ILE B 276 15.88 20.49 -18.96
N ALA B 277 17.16 20.86 -18.88
CA ALA B 277 17.80 21.64 -19.96
C ALA B 277 18.48 20.78 -21.03
N GLY B 278 18.61 19.49 -20.76
CA GLY B 278 19.33 18.59 -21.65
C GLY B 278 18.47 17.54 -22.33
N ASP B 279 19.05 16.36 -22.56
CA ASP B 279 18.42 15.31 -23.35
C ASP B 279 18.33 13.97 -22.62
N THR B 280 18.37 14.03 -21.28
CA THR B 280 18.43 12.81 -20.48
C THR B 280 17.05 12.17 -20.22
N ALA B 281 15.98 12.93 -20.46
CA ALA B 281 14.62 12.43 -20.28
C ALA B 281 14.27 11.39 -21.33
N LEU B 282 13.87 10.20 -20.90
CA LEU B 282 13.58 9.10 -21.82
C LEU B 282 12.24 9.29 -22.52
N ASP B 283 12.03 8.60 -23.64
CA ASP B 283 10.74 8.66 -24.33
C ASP B 283 10.06 7.30 -24.38
N LYS B 284 10.33 6.46 -23.38
CA LYS B 284 9.64 5.19 -23.21
C LYS B 284 8.22 5.45 -22.73
N ASN B 285 7.28 4.65 -23.22
CA ASN B 285 5.89 4.75 -22.79
C ASN B 285 5.70 4.12 -21.40
N ILE B 286 5.46 4.97 -20.40
CA ILE B 286 5.28 4.55 -19.02
C ILE B 286 3.88 4.91 -18.53
N HIS B 287 2.96 5.08 -19.48
CA HIS B 287 1.61 5.55 -19.16
C HIS B 287 0.77 4.56 -18.35
N GLN B 288 0.82 3.28 -18.71
CA GLN B 288 0.00 2.26 -18.05
C GLN B 288 0.22 2.23 -16.54
N SER B 289 1.48 2.11 -16.11
CA SER B 289 1.84 1.99 -14.71
C SER B 289 1.56 3.28 -13.93
N VAL B 290 1.95 4.42 -14.50
CA VAL B 290 1.68 5.72 -13.88
C VAL B 290 0.16 5.99 -13.76
N SER B 291 -0.55 5.84 -14.87
CA SER B 291 -2.00 6.08 -14.90
C SER B 291 -2.79 5.24 -13.91
N GLU B 292 -2.45 3.95 -13.80
CA GLU B 292 -3.11 3.04 -12.86
C GLU B 292 -2.84 3.43 -11.41
N GLN B 293 -1.58 3.78 -11.12
CA GLN B 293 -1.17 4.23 -9.79
C GLN B 293 -1.88 5.53 -9.39
N ILE B 294 -2.06 6.44 -10.34
CA ILE B 294 -2.83 7.66 -10.10
C ILE B 294 -4.30 7.32 -9.80
N LYS B 295 -4.87 6.39 -10.56
CA LYS B 295 -6.24 5.92 -10.33
C LYS B 295 -6.37 5.23 -8.96
N LYS B 296 -5.31 4.59 -8.51
CA LYS B 296 -5.29 3.91 -7.22
C LYS B 296 -5.20 4.89 -6.06
N ASN B 297 -4.55 6.04 -6.28
CA ASN B 297 -4.30 7.00 -5.21
C ASN B 297 -5.08 8.30 -5.33
N PHE B 298 -5.99 8.37 -6.30
CA PHE B 298 -6.81 9.55 -6.52
C PHE B 298 -8.27 9.22 -6.79
N ALA B 299 -9.14 9.80 -5.98
CA ALA B 299 -10.59 9.54 -6.04
C ALA B 299 -11.22 10.19 -7.26
N LYS B 300 -10.95 11.48 -7.45
CA LYS B 300 -11.46 12.24 -8.59
C LYS B 300 -10.89 11.72 -9.92
N SER B 301 -9.67 11.20 -9.86
CA SER B 301 -8.99 10.70 -11.06
C SER B 301 -9.39 9.28 -11.45
N LYS B 302 -10.18 8.62 -10.60
CA LYS B 302 -10.71 7.29 -10.92
C LYS B 302 -11.82 7.37 -11.97
N TRP B 303 -12.85 8.16 -11.68
CA TRP B 303 -13.99 8.31 -12.60
C TRP B 303 -13.66 9.25 -13.76
N LYS B 304 -12.71 10.16 -13.55
CA LYS B 304 -12.31 11.15 -14.54
C LYS B 304 -11.97 10.54 -15.90
N GLN B 305 -11.20 9.45 -15.89
CA GLN B 305 -10.85 8.71 -17.10
C GLN B 305 -12.08 8.01 -17.68
N ALA B 306 -12.81 7.31 -16.82
CA ALA B 306 -14.01 6.56 -17.22
C ALA B 306 -15.09 7.48 -17.77
N PHE B 307 -15.28 8.63 -17.12
CA PHE B 307 -16.16 9.70 -17.61
C PHE B 307 -15.71 10.16 -18.99
N ASN B 308 -14.41 10.45 -19.11
CA ASN B 308 -13.82 10.96 -20.34
C ASN B 308 -13.94 9.97 -21.49
N ALA B 309 -13.67 8.70 -21.21
CA ALA B 309 -13.76 7.63 -22.21
C ALA B 309 -15.13 7.57 -22.88
N THR B 310 -16.20 7.81 -22.10
CA THR B 310 -17.57 7.81 -22.62
C THR B 310 -17.88 9.07 -23.44
N ALA B 311 -17.33 10.21 -23.00
CA ALA B 311 -17.59 11.50 -23.64
C ALA B 311 -16.96 11.62 -25.03
N VAL B 312 -15.77 11.03 -25.20
CA VAL B 312 -15.05 11.03 -26.47
C VAL B 312 -15.77 10.19 -27.54
N VAL B 313 -16.54 9.20 -27.08
CA VAL B 313 -17.27 8.27 -27.94
C VAL B 313 -18.35 8.94 -28.81
N ARG B 314 -18.96 10.01 -28.30
CA ARG B 314 -20.05 10.72 -28.98
C ARG B 314 -19.62 11.36 -30.30
PG ATP C . -9.90 -24.09 5.54
O1G ATP C . -10.83 -25.02 6.22
O2G ATP C . -9.10 -24.82 4.34
O3G ATP C . -10.68 -22.87 4.81
PB ATP C . -9.21 -22.46 7.72
O1B ATP C . -8.41 -21.22 7.65
O2B ATP C . -10.68 -22.35 7.74
O3B ATP C . -8.78 -23.44 6.52
PA ATP C . -9.50 -24.70 9.30
O1A ATP C . -8.69 -25.91 9.68
O2A ATP C . -10.98 -24.74 9.30
O3A ATP C . -8.75 -23.30 9.02
O5' ATP C . -9.58 -24.12 10.81
C5' ATP C . -10.63 -23.17 11.16
C4' ATP C . -10.34 -22.31 12.39
O4' ATP C . -10.89 -22.95 13.58
C3' ATP C . -8.85 -22.11 12.70
O3' ATP C . -8.38 -20.93 12.04
C2' ATP C . -8.86 -21.91 14.21
O2' ATP C . -9.31 -20.59 14.54
C1' ATP C . -9.91 -22.92 14.65
N9 ATP C . -9.34 -24.28 14.91
C8 ATP C . -9.03 -25.19 13.97
N7 ATP C . -8.54 -26.29 14.54
C5 ATP C . -8.53 -26.09 15.85
C6 ATP C . -8.14 -26.89 16.93
N6 ATP C . -7.65 -28.12 16.78
N1 ATP C . -8.26 -26.38 18.17
C2 ATP C . -8.74 -25.16 18.36
N3 ATP C . -9.13 -24.38 17.36
C4 ATP C . -9.03 -24.82 16.08
PG ATP D . -8.08 26.70 -1.70
O1G ATP D . -9.48 27.21 -1.64
O2G ATP D . -7.04 27.71 -0.97
O3G ATP D . -7.91 25.30 -0.90
PB ATP D . -7.81 25.09 -4.01
O1B ATP D . -6.51 24.49 -4.35
O2B ATP D . -8.82 24.28 -3.31
O3B ATP D . -7.54 26.47 -3.20
PA ATP D . -9.35 26.99 -5.33
O1A ATP D . -8.96 28.13 -6.21
O2A ATP D . -10.62 27.00 -4.55
O3A ATP D . -8.49 25.63 -5.37
O5' ATP D . -10.26 26.27 -6.51
C5' ATP D . -9.76 25.96 -7.81
C4' ATP D . -10.54 24.84 -8.51
O4' ATP D . -11.38 25.37 -9.59
C3' ATP D . -9.46 23.98 -9.18
O3' ATP D . -9.47 22.68 -8.57
C2' ATP D . -9.85 23.91 -10.67
O2' ATP D . -10.62 22.77 -10.95
C1' ATP D . -10.76 25.12 -10.88
N9 ATP D . -10.09 26.38 -11.37
C8 ATP D . -9.27 27.17 -10.68
N7 ATP D . -8.87 28.20 -11.42
C5 ATP D . -9.44 28.08 -12.61
C6 ATP D . -9.41 28.84 -13.77
N6 ATP D . -8.69 29.95 -13.85
N1 ATP D . -10.13 28.44 -14.84
C2 ATP D . -10.85 27.33 -14.78
N3 ATP D . -10.92 26.59 -13.68
C4 ATP D . -10.23 26.93 -12.58
#